data_2BLN
#
_entry.id   2BLN
#
_cell.length_a   67.176
_cell.length_b   89.957
_cell.length_c   97.885
_cell.angle_alpha   90.00
_cell.angle_beta   90.00
_cell.angle_gamma   90.00
#
_symmetry.space_group_name_H-M   'P 21 21 21'
#
loop_
_entity.id
_entity.type
_entity.pdbx_description
1 polymer 'PROTEIN YFBG'
2 non-polymer 'N-{[4-({[(6R)-2-amino-5-formyl-4-oxo-1,4,5,6,7,8-hexahydropteridin-6-yl]methyl}amino)phenyl]carbonyl}-L-glutamic acid'
3 non-polymer "URIDINE-5'-MONOPHOSPHATE"
4 non-polymer 'ACETATE ION'
5 water water
#
_entity_poly.entity_id   1
_entity_poly.type   'polypeptide(L)'
_entity_poly.pdbx_seq_one_letter_code
;MKTVVFAYHDMGCLGIEALLAAGYEISAIFTHTDNPGEKAFYGSVARLAAERGIPVYAPDNVNHPLWVERIAQLSPDVIF
SFYYRHLIYDEILQLAPAGAFNLHGSLLPKYRGRAPLNWVLVNGETETGVTLHRMVKRADAGAIVAQLRIAIAPDDIAIT
LHHKLCHAARQLLEQTLPAIKHGNILEIAQRENEATCFGRRTPDDSFLEWHKPASVLHNMVRAVADPWPGAFSYVGNQKF
TVWSSRVHPHASKAQPGSVISVAPLLIACGDGALEIVTGQAGDGITMQGSQLAQTLGLVQGSRLN
;
_entity_poly.pdbx_strand_id   A,B
#
loop_
_chem_comp.id
_chem_comp.type
_chem_comp.name
_chem_comp.formula
ACT non-polymer 'ACETATE ION' 'C2 H3 O2 -1'
FON non-polymer 'N-{[4-({[(6R)-2-amino-5-formyl-4-oxo-1,4,5,6,7,8-hexahydropteridin-6-yl]methyl}amino)phenyl]carbonyl}-L-glutamic acid' 'C20 H23 N7 O7'
U5P non-polymer URIDINE-5'-MONOPHOSPHATE 'C9 H13 N2 O9 P'
#
# COMPACT_ATOMS: atom_id res chain seq x y z
N MET A 1 23.42 -25.02 -15.18
CA MET A 1 23.03 -23.60 -14.94
C MET A 1 22.37 -23.48 -13.58
N LYS A 2 22.93 -22.60 -12.76
CA LYS A 2 22.50 -22.36 -11.39
C LYS A 2 21.61 -21.15 -11.35
N THR A 3 20.60 -21.20 -10.50
CA THR A 3 19.68 -20.08 -10.43
C THR A 3 19.18 -19.84 -9.03
N VAL A 4 18.87 -18.58 -8.78
CA VAL A 4 18.10 -18.15 -7.62
C VAL A 4 16.78 -17.65 -8.17
N VAL A 5 15.71 -18.09 -7.52
CA VAL A 5 14.38 -17.90 -8.01
C VAL A 5 13.55 -17.12 -7.02
N PHE A 6 12.77 -16.19 -7.53
CA PHE A 6 11.82 -15.41 -6.80
C PHE A 6 10.45 -15.85 -7.29
N ALA A 7 9.58 -16.32 -6.41
CA ALA A 7 8.39 -17.01 -6.90
C ALA A 7 7.28 -16.97 -5.89
N TYR A 8 6.05 -16.94 -6.37
CA TYR A 8 4.88 -16.99 -5.52
C TYR A 8 3.72 -17.52 -6.30
N HIS A 9 2.82 -18.19 -5.59
CA HIS A 9 1.57 -18.64 -6.13
C HIS A 9 1.73 -19.66 -7.26
N ASP A 10 0.68 -19.85 -8.06
CA ASP A 10 0.68 -20.91 -9.06
C ASP A 10 1.73 -20.71 -10.13
N MET A 11 1.92 -19.48 -10.60
CA MET A 11 2.94 -19.18 -11.58
C MET A 11 4.28 -19.47 -10.98
N GLY A 12 4.47 -19.19 -9.70
CA GLY A 12 5.72 -19.51 -9.03
C GLY A 12 5.98 -20.99 -9.01
N CYS A 13 4.98 -21.77 -8.65
CA CYS A 13 5.13 -23.21 -8.58
C CYS A 13 5.46 -23.78 -9.95
N LEU A 14 4.72 -23.38 -10.99
CA LEU A 14 4.97 -23.96 -12.33
C LEU A 14 6.30 -23.49 -12.87
N GLY A 15 6.75 -22.29 -12.51
CA GLY A 15 8.05 -21.81 -12.96
C GLY A 15 9.16 -22.65 -12.35
N ILE A 16 9.07 -22.93 -11.05
CA ILE A 16 10.04 -23.79 -10.37
C ILE A 16 10.04 -25.17 -10.99
N GLU A 17 8.86 -25.73 -11.21
CA GLU A 17 8.79 -27.04 -11.84
C GLU A 17 9.43 -27.05 -13.21
N ALA A 18 9.17 -26.02 -14.01
CA ALA A 18 9.74 -25.93 -15.35
C ALA A 18 11.25 -25.80 -15.30
N LEU A 19 11.80 -25.02 -14.39
CA LEU A 19 13.23 -24.93 -14.23
C LEU A 19 13.82 -26.27 -13.88
N LEU A 20 13.23 -26.98 -12.95
CA LEU A 20 13.75 -28.27 -12.53
C LEU A 20 13.69 -29.23 -13.68
N ALA A 21 12.60 -29.23 -14.44
CA ALA A 21 12.49 -30.12 -15.60
C ALA A 21 13.48 -29.81 -16.68
N ALA A 22 13.89 -28.55 -16.80
CA ALA A 22 14.85 -28.11 -17.81
C ALA A 22 16.30 -28.29 -17.32
N GLY A 23 16.46 -28.84 -16.12
CA GLY A 23 17.76 -29.18 -15.60
C GLY A 23 18.50 -28.05 -14.90
N TYR A 24 17.83 -26.98 -14.55
CA TYR A 24 18.45 -25.94 -13.78
C TYR A 24 18.62 -26.37 -12.35
N GLU A 25 19.67 -25.88 -11.70
CA GLU A 25 19.93 -26.12 -10.29
C GLU A 25 19.46 -24.91 -9.52
N ILE A 26 18.45 -25.10 -8.70
CA ILE A 26 17.90 -24.02 -7.93
C ILE A 26 18.53 -23.98 -6.54
N SER A 27 19.30 -22.96 -6.24
CA SER A 27 20.02 -22.88 -4.99
C SER A 27 19.18 -22.31 -3.84
N ALA A 28 18.19 -21.51 -4.18
CA ALA A 28 17.36 -20.83 -3.21
C ALA A 28 16.15 -20.32 -3.91
N ILE A 29 15.05 -20.29 -3.17
CA ILE A 29 13.84 -19.64 -3.58
C ILE A 29 13.46 -18.58 -2.57
N PHE A 30 13.12 -17.41 -3.08
CA PHE A 30 12.55 -16.31 -2.30
C PHE A 30 11.09 -16.19 -2.62
N THR A 31 10.30 -16.09 -1.57
CA THR A 31 8.86 -16.05 -1.70
C THR A 31 8.26 -15.11 -0.67
N HIS A 32 6.96 -15.17 -0.49
CA HIS A 32 6.28 -14.35 0.47
C HIS A 32 5.57 -15.23 1.46
N THR A 33 5.34 -14.70 2.66
CA THR A 33 4.41 -15.28 3.61
C THR A 33 2.98 -15.06 3.10
N ASP A 34 2.08 -15.99 3.44
CA ASP A 34 0.67 -15.91 3.02
C ASP A 34 -0.10 -14.98 3.93
N PHE A 41 -6.38 -20.40 -2.64
CA PHE A 41 -6.56 -21.48 -3.59
C PHE A 41 -5.25 -21.78 -4.33
N TYR A 42 -4.30 -20.87 -4.27
CA TYR A 42 -3.05 -21.01 -5.00
C TYR A 42 -2.15 -22.09 -4.40
N GLY A 43 -1.36 -22.74 -5.25
CA GLY A 43 -0.24 -23.53 -4.79
C GLY A 43 0.75 -22.73 -3.98
N SER A 44 1.41 -23.41 -3.06
CA SER A 44 2.39 -22.86 -2.16
C SER A 44 3.79 -23.11 -2.68
N VAL A 45 4.46 -22.04 -3.08
CA VAL A 45 5.87 -22.09 -3.44
C VAL A 45 6.71 -22.63 -2.28
N ALA A 46 6.47 -22.18 -1.07
CA ALA A 46 7.23 -22.68 0.09
C ALA A 46 7.10 -24.18 0.26
N ARG A 47 5.89 -24.70 0.16
CA ARG A 47 5.70 -26.14 0.28
C ARG A 47 6.41 -26.87 -0.81
N LEU A 48 6.36 -26.37 -2.05
CA LEU A 48 7.07 -26.98 -3.15
C LEU A 48 8.56 -26.98 -2.90
N ALA A 49 9.13 -25.86 -2.49
CA ALA A 49 10.53 -25.78 -2.17
C ALA A 49 10.89 -26.80 -1.12
N ALA A 50 10.06 -26.88 -0.07
CA ALA A 50 10.33 -27.76 1.04
C ALA A 50 10.34 -29.21 0.54
N GLU A 51 9.36 -29.60 -0.24
CA GLU A 51 9.28 -30.97 -0.77
C GLU A 51 10.45 -31.28 -1.66
N ARG A 52 10.92 -30.29 -2.42
CA ARG A 52 12.03 -30.50 -3.34
C ARG A 52 13.40 -30.35 -2.68
N GLY A 53 13.44 -30.02 -1.40
CA GLY A 53 14.68 -29.87 -0.73
C GLY A 53 15.46 -28.62 -1.06
N ILE A 54 14.78 -27.55 -1.38
CA ILE A 54 15.42 -26.32 -1.79
C ILE A 54 15.24 -25.34 -0.65
N PRO A 55 16.31 -24.67 -0.19
CA PRO A 55 16.15 -23.62 0.82
C PRO A 55 15.21 -22.54 0.33
N VAL A 56 14.34 -22.07 1.22
CA VAL A 56 13.33 -21.12 0.87
C VAL A 56 13.27 -20.07 1.94
N TYR A 57 13.07 -18.84 1.51
CA TYR A 57 13.15 -17.71 2.39
C TYR A 57 12.04 -16.73 2.05
N ALA A 58 11.47 -16.08 3.03
CA ALA A 58 10.43 -15.11 2.78
C ALA A 58 10.62 -13.80 3.54
N PRO A 59 11.77 -13.16 3.41
CA PRO A 59 11.90 -11.85 4.02
C PRO A 59 10.92 -10.88 3.44
N ASP A 60 10.43 -9.98 4.29
CA ASP A 60 9.53 -8.96 3.81
C ASP A 60 10.17 -8.07 2.75
N ASN A 61 11.43 -7.78 2.92
CA ASN A 61 12.15 -7.00 1.91
C ASN A 61 13.50 -7.63 1.67
N VAL A 62 13.64 -8.23 0.51
CA VAL A 62 14.85 -8.90 0.15
C VAL A 62 15.96 -7.92 -0.18
N ASN A 63 15.63 -6.66 -0.39
CA ASN A 63 16.60 -5.66 -0.79
C ASN A 63 17.35 -5.11 0.40
N HIS A 64 18.13 -5.98 1.02
CA HIS A 64 18.87 -5.73 2.23
C HIS A 64 20.24 -6.21 1.96
N PRO A 65 21.24 -5.45 2.39
CA PRO A 65 22.64 -5.78 2.14
C PRO A 65 22.91 -7.25 2.41
N LEU A 66 22.40 -7.76 3.52
CA LEU A 66 22.73 -9.11 3.90
C LEU A 66 22.09 -10.17 3.00
N TRP A 67 20.90 -9.89 2.45
CA TRP A 67 20.35 -10.77 1.46
C TRP A 67 21.09 -10.66 0.11
N VAL A 68 21.56 -9.47 -0.23
CA VAL A 68 22.38 -9.30 -1.42
C VAL A 68 23.62 -10.12 -1.30
N GLU A 69 24.29 -10.01 -0.17
CA GLU A 69 25.49 -10.75 0.08
C GLU A 69 25.21 -12.24 0.03
N ARG A 70 24.11 -12.71 0.65
CA ARG A 70 23.77 -14.10 0.63
C ARG A 70 23.52 -14.61 -0.77
N ILE A 71 22.71 -13.92 -1.56
CA ILE A 71 22.43 -14.32 -2.93
C ILE A 71 23.75 -14.38 -3.72
N ALA A 72 24.62 -13.40 -3.55
CA ALA A 72 25.88 -13.40 -4.25
C ALA A 72 26.65 -14.67 -3.93
N GLN A 73 26.63 -15.09 -2.67
CA GLN A 73 27.40 -16.24 -2.26
C GLN A 73 26.84 -17.55 -2.84
N LEU A 74 25.59 -17.55 -3.29
CA LEU A 74 25.00 -18.69 -3.98
C LEU A 74 25.43 -18.80 -5.47
N SER A 75 26.11 -17.81 -6.00
CA SER A 75 26.68 -17.87 -7.34
C SER A 75 25.65 -18.18 -8.42
N PRO A 76 24.47 -17.52 -8.44
CA PRO A 76 23.57 -17.81 -9.57
C PRO A 76 24.14 -17.39 -10.91
N ASP A 77 23.94 -18.21 -11.91
CA ASP A 77 24.16 -17.82 -13.28
C ASP A 77 23.07 -16.88 -13.79
N VAL A 78 21.85 -17.13 -13.36
CA VAL A 78 20.68 -16.48 -13.87
C VAL A 78 19.69 -16.37 -12.73
N ILE A 79 18.84 -15.35 -12.80
CA ILE A 79 17.79 -15.14 -11.85
C ILE A 79 16.46 -15.17 -12.59
N PHE A 80 15.46 -15.79 -11.96
CA PHE A 80 14.11 -15.78 -12.47
C PHE A 80 13.14 -15.25 -11.46
N SER A 81 12.13 -14.54 -11.92
CA SER A 81 11.00 -14.15 -11.14
C SER A 81 9.74 -14.67 -11.78
N PHE A 82 8.95 -15.38 -10.96
CA PHE A 82 7.68 -15.96 -11.34
C PHE A 82 6.66 -15.51 -10.31
N TYR A 83 6.10 -14.33 -10.55
CA TYR A 83 5.02 -13.76 -9.78
C TYR A 83 5.43 -13.36 -8.34
N TYR A 84 6.73 -13.13 -8.14
CA TYR A 84 7.18 -12.42 -6.99
C TYR A 84 6.68 -11.00 -7.06
N ARG A 85 6.27 -10.46 -5.93
CA ARG A 85 5.50 -9.22 -5.94
C ARG A 85 6.32 -7.97 -5.80
N HIS A 86 7.52 -8.07 -5.28
CA HIS A 86 8.27 -6.89 -4.90
C HIS A 86 9.37 -6.61 -5.88
N LEU A 87 9.62 -5.35 -6.19
CA LEU A 87 10.73 -5.00 -7.03
C LEU A 87 12.03 -5.50 -6.42
N ILE A 88 12.89 -6.05 -7.25
CA ILE A 88 14.17 -6.57 -6.83
C ILE A 88 15.19 -5.57 -7.33
N TYR A 89 16.02 -5.07 -6.42
CA TYR A 89 16.93 -4.03 -6.79
C TYR A 89 18.02 -4.48 -7.70
N ASP A 90 18.58 -3.52 -8.44
CA ASP A 90 19.64 -3.78 -9.35
C ASP A 90 20.81 -4.48 -8.70
N GLU A 91 21.07 -4.19 -7.41
CA GLU A 91 22.15 -4.84 -6.68
C GLU A 91 22.06 -6.35 -6.71
N ILE A 92 20.85 -6.87 -6.67
CA ILE A 92 20.61 -8.29 -6.75
C ILE A 92 20.64 -8.75 -8.21
N LEU A 93 19.92 -8.05 -9.09
CA LEU A 93 19.79 -8.52 -10.46
C LEU A 93 21.13 -8.61 -11.15
N GLN A 94 22.04 -7.70 -10.86
CA GLN A 94 23.35 -7.63 -11.50
C GLN A 94 24.30 -8.70 -11.04
N LEU A 95 23.93 -9.51 -10.07
CA LEU A 95 24.80 -10.55 -9.56
C LEU A 95 24.92 -11.70 -10.54
N ALA A 96 23.94 -11.89 -11.41
CA ALA A 96 23.86 -13.06 -12.27
C ALA A 96 24.43 -12.74 -13.63
N PRO A 97 25.50 -13.41 -14.06
CA PRO A 97 26.09 -13.07 -15.35
C PRO A 97 25.19 -13.20 -16.55
N ALA A 98 24.28 -14.17 -16.54
CA ALA A 98 23.34 -14.37 -17.63
C ALA A 98 22.05 -13.56 -17.47
N GLY A 99 21.98 -12.76 -16.43
CA GLY A 99 20.88 -11.82 -16.27
C GLY A 99 19.72 -12.40 -15.53
N ALA A 100 18.62 -11.70 -15.71
CA ALA A 100 17.44 -11.92 -14.89
C ALA A 100 16.23 -11.83 -15.78
N PHE A 101 15.27 -12.72 -15.58
CA PHE A 101 14.08 -12.82 -16.42
C PHE A 101 12.87 -12.89 -15.55
N ASN A 102 11.75 -12.34 -16.02
CA ASN A 102 10.48 -12.36 -15.35
C ASN A 102 9.41 -12.87 -16.26
N LEU A 103 8.47 -13.58 -15.71
CA LEU A 103 7.30 -14.08 -16.39
C LEU A 103 6.10 -13.27 -16.00
N HIS A 104 5.51 -12.56 -16.95
CA HIS A 104 4.40 -11.66 -16.72
C HIS A 104 3.17 -12.15 -17.44
N GLY A 105 2.04 -12.11 -16.77
CA GLY A 105 0.79 -12.57 -17.36
C GLY A 105 0.00 -11.59 -18.23
N SER A 106 0.69 -10.98 -19.19
CA SER A 106 0.01 -10.24 -20.25
C SER A 106 0.89 -10.19 -21.47
N LEU A 107 0.30 -9.63 -22.55
CA LEU A 107 1.00 -9.37 -23.83
C LEU A 107 1.71 -8.06 -23.75
N LEU A 108 2.84 -8.02 -23.05
CA LEU A 108 3.65 -6.82 -22.94
C LEU A 108 3.94 -6.28 -24.33
N PRO A 109 3.97 -4.96 -24.50
CA PRO A 109 3.95 -3.94 -23.48
C PRO A 109 2.59 -3.55 -22.93
N LYS A 110 1.53 -4.19 -23.36
CA LYS A 110 0.23 -3.94 -22.79
C LYS A 110 0.12 -4.59 -21.42
N TYR A 111 -0.59 -3.95 -20.52
CA TYR A 111 -0.89 -4.52 -19.21
C TYR A 111 0.34 -4.83 -18.39
N ARG A 112 1.32 -3.93 -18.44
CA ARG A 112 2.32 -3.89 -17.40
C ARG A 112 1.65 -3.68 -16.06
N GLY A 113 2.32 -4.09 -14.99
CA GLY A 113 1.86 -3.80 -13.65
C GLY A 113 1.08 -4.89 -13.01
N ARG A 114 0.20 -4.50 -12.11
CA ARG A 114 -0.48 -5.42 -11.25
C ARG A 114 -1.72 -5.99 -11.89
N ALA A 115 -2.06 -7.18 -11.43
CA ALA A 115 -3.34 -7.84 -11.71
C ALA A 115 -3.72 -7.86 -13.20
N PRO A 116 -2.80 -8.23 -14.10
CA PRO A 116 -3.20 -8.27 -15.51
C PRO A 116 -4.30 -9.28 -15.81
N LEU A 117 -4.40 -10.34 -15.03
CA LEU A 117 -5.50 -11.25 -15.18
C LEU A 117 -6.84 -10.53 -15.10
N ASN A 118 -6.98 -9.74 -14.06
CA ASN A 118 -8.25 -9.11 -13.81
C ASN A 118 -8.49 -7.94 -14.76
N TRP A 119 -7.47 -7.16 -15.01
CA TRP A 119 -7.63 -5.99 -15.87
C TRP A 119 -7.99 -6.36 -17.29
N VAL A 120 -7.45 -7.42 -17.86
CA VAL A 120 -7.85 -7.75 -19.24
C VAL A 120 -9.33 -8.12 -19.32
N LEU A 121 -9.84 -8.74 -18.27
CA LEU A 121 -11.28 -9.04 -18.19
C LEU A 121 -12.11 -7.78 -18.00
N VAL A 122 -11.72 -6.94 -17.06
CA VAL A 122 -12.41 -5.68 -16.85
C VAL A 122 -12.56 -4.94 -18.17
N ASN A 123 -11.52 -4.91 -18.97
CA ASN A 123 -11.46 -4.12 -20.20
C ASN A 123 -12.04 -4.83 -21.40
N GLY A 124 -12.53 -6.05 -21.24
CA GLY A 124 -13.15 -6.73 -22.34
C GLY A 124 -12.22 -7.14 -23.43
N GLU A 125 -10.98 -7.42 -23.09
CA GLU A 125 -10.10 -7.98 -24.11
C GLU A 125 -10.58 -9.34 -24.55
N THR A 126 -10.28 -9.67 -25.80
CA THR A 126 -10.57 -11.00 -26.34
C THR A 126 -9.31 -11.86 -26.45
N GLU A 127 -8.15 -11.28 -26.12
CA GLU A 127 -6.92 -12.04 -26.08
C GLU A 127 -6.06 -11.52 -24.95
N THR A 128 -5.21 -12.39 -24.42
CA THR A 128 -4.15 -11.98 -23.51
C THR A 128 -3.01 -12.94 -23.76
N GLY A 129 -2.13 -13.12 -22.81
CA GLY A 129 -1.00 -13.99 -23.01
C GLY A 129 0.00 -13.89 -21.91
N VAL A 130 1.14 -14.50 -22.12
CA VAL A 130 2.23 -14.50 -21.15
C VAL A 130 3.47 -14.03 -21.88
N THR A 131 4.34 -13.35 -21.16
CA THR A 131 5.59 -12.81 -21.70
C THR A 131 6.72 -13.15 -20.77
N LEU A 132 7.83 -13.60 -21.31
CA LEU A 132 9.07 -13.69 -20.56
C LEU A 132 9.96 -12.58 -21.05
N HIS A 133 10.48 -11.79 -20.15
CA HIS A 133 11.27 -10.61 -20.52
C HIS A 133 12.41 -10.43 -19.54
N ARG A 134 13.41 -9.70 -19.97
CA ARG A 134 14.48 -9.34 -19.09
C ARG A 134 13.99 -8.43 -18.01
N MET A 135 14.48 -8.65 -16.78
CA MET A 135 14.05 -7.81 -15.66
C MET A 135 14.98 -6.67 -15.52
N VAL A 136 14.38 -5.50 -15.48
CA VAL A 136 15.11 -4.29 -15.37
C VAL A 136 14.51 -3.48 -14.22
N LYS A 137 14.99 -2.28 -14.04
CA LYS A 137 14.60 -1.49 -12.92
C LYS A 137 13.11 -1.14 -12.92
N ARG A 138 12.57 -0.76 -14.08
CA ARG A 138 11.14 -0.46 -14.20
C ARG A 138 10.38 -1.76 -14.38
N ALA A 139 9.31 -1.91 -13.61
CA ALA A 139 8.54 -3.14 -13.62
C ALA A 139 8.05 -3.45 -15.01
N ASP A 140 8.22 -4.70 -15.38
CA ASP A 140 7.62 -5.25 -16.59
C ASP A 140 8.04 -4.58 -17.88
N ALA A 141 9.22 -3.94 -17.88
CA ALA A 141 9.59 -3.08 -19.00
C ALA A 141 10.76 -3.54 -19.84
N GLY A 142 11.41 -4.63 -19.45
CA GLY A 142 12.60 -5.08 -20.15
C GLY A 142 12.34 -5.81 -21.43
N ALA A 143 13.41 -6.11 -22.13
CA ALA A 143 13.30 -6.65 -23.47
C ALA A 143 12.61 -8.00 -23.44
N ILE A 144 11.78 -8.21 -24.43
CA ILE A 144 10.98 -9.42 -24.52
C ILE A 144 11.79 -10.53 -25.17
N VAL A 145 11.76 -11.71 -24.55
CA VAL A 145 12.43 -12.87 -25.09
C VAL A 145 11.47 -13.89 -25.62
N ALA A 146 10.24 -13.94 -25.11
CA ALA A 146 9.25 -14.88 -25.60
C ALA A 146 7.89 -14.38 -25.24
N GLN A 147 6.91 -14.69 -26.06
CA GLN A 147 5.53 -14.32 -25.78
C GLN A 147 4.60 -15.34 -26.39
N LEU A 148 3.47 -15.58 -25.75
CA LEU A 148 2.49 -16.52 -26.20
C LEU A 148 1.13 -15.93 -25.98
N ARG A 149 0.31 -15.84 -27.04
CA ARG A 149 -1.01 -15.25 -27.04
C ARG A 149 -2.04 -16.34 -26.90
N ILE A 150 -3.07 -16.05 -26.10
CA ILE A 150 -4.20 -16.95 -25.90
C ILE A 150 -5.48 -16.15 -26.05
N ALA A 151 -6.55 -16.87 -26.35
CA ALA A 151 -7.87 -16.30 -26.44
C ALA A 151 -8.52 -16.24 -25.08
N ILE A 152 -9.33 -15.22 -24.90
CA ILE A 152 -10.22 -15.09 -23.76
C ILE A 152 -11.60 -15.38 -24.33
N ALA A 153 -12.24 -16.38 -23.76
CA ALA A 153 -13.59 -16.79 -24.19
C ALA A 153 -14.60 -15.89 -23.53
N PRO A 154 -15.75 -15.67 -24.19
CA PRO A 154 -16.77 -14.86 -23.54
C PRO A 154 -17.22 -15.36 -22.17
N ASP A 155 -17.15 -16.64 -21.90
CA ASP A 155 -17.56 -17.09 -20.58
C ASP A 155 -16.39 -17.31 -19.62
N ASP A 156 -15.17 -16.97 -20.00
CA ASP A 156 -14.10 -17.02 -19.05
C ASP A 156 -14.36 -16.05 -17.91
N ILE A 157 -13.97 -16.48 -16.73
CA ILE A 157 -13.93 -15.65 -15.54
C ILE A 157 -12.52 -15.66 -15.01
N ALA A 158 -12.24 -14.92 -13.96
CA ALA A 158 -10.87 -14.82 -13.50
C ALA A 158 -10.22 -16.19 -13.28
N ILE A 159 -10.90 -17.12 -12.61
CA ILE A 159 -10.23 -18.37 -12.28
C ILE A 159 -9.97 -19.20 -13.53
N THR A 160 -10.89 -19.22 -14.47
CA THR A 160 -10.69 -20.00 -15.68
C THR A 160 -9.59 -19.41 -16.55
N LEU A 161 -9.54 -18.09 -16.66
CA LEU A 161 -8.46 -17.45 -17.40
C LEU A 161 -7.15 -17.64 -16.67
N HIS A 162 -7.16 -17.63 -15.34
CA HIS A 162 -5.96 -17.92 -14.57
C HIS A 162 -5.36 -19.24 -14.97
N HIS A 163 -6.19 -20.27 -15.02
CA HIS A 163 -5.67 -21.58 -15.42
C HIS A 163 -5.13 -21.56 -16.83
N LYS A 164 -5.80 -20.87 -17.75
CA LYS A 164 -5.28 -20.79 -19.12
C LYS A 164 -3.94 -20.07 -19.18
N LEU A 165 -3.78 -19.01 -18.42
CA LEU A 165 -2.50 -18.30 -18.37
C LEU A 165 -1.41 -19.20 -17.82
N CYS A 166 -1.73 -19.99 -16.78
CA CYS A 166 -0.76 -20.91 -16.22
C CYS A 166 -0.34 -21.94 -17.25
N HIS A 167 -1.31 -22.50 -17.98
CA HIS A 167 -1.00 -23.45 -19.02
C HIS A 167 -0.09 -22.85 -20.09
N ALA A 168 -0.38 -21.64 -20.51
CA ALA A 168 0.43 -20.94 -21.50
C ALA A 168 1.83 -20.70 -20.95
N ALA A 169 1.93 -20.29 -19.69
CA ALA A 169 3.24 -20.09 -19.08
C ALA A 169 4.07 -21.36 -19.07
N ARG A 170 3.42 -22.47 -18.73
CA ARG A 170 4.16 -23.74 -18.77
C ARG A 170 4.71 -24.03 -20.16
N GLN A 171 3.89 -23.84 -21.19
CA GLN A 171 4.32 -24.04 -22.55
C GLN A 171 5.46 -23.10 -22.93
N LEU A 172 5.30 -21.82 -22.65
CA LEU A 172 6.32 -20.87 -22.98
C LEU A 172 7.65 -21.22 -22.32
N LEU A 173 7.60 -21.59 -21.03
CA LEU A 173 8.81 -21.91 -20.30
C LEU A 173 9.45 -23.17 -20.83
N GLU A 174 8.65 -24.17 -21.13
CA GLU A 174 9.22 -25.39 -21.65
C GLU A 174 9.94 -25.15 -22.94
N GLN A 175 9.42 -24.25 -23.76
CA GLN A 175 10.00 -23.88 -25.02
C GLN A 175 11.19 -22.97 -24.92
N THR A 176 11.28 -22.14 -23.90
CA THR A 176 12.22 -21.05 -23.82
C THR A 176 13.37 -21.34 -22.89
N LEU A 177 13.09 -22.03 -21.79
CA LEU A 177 14.15 -22.27 -20.80
C LEU A 177 15.39 -22.98 -21.37
N PRO A 178 15.21 -23.95 -22.29
CA PRO A 178 16.41 -24.53 -22.89
C PRO A 178 17.27 -23.51 -23.66
N ALA A 179 16.64 -22.56 -24.34
CA ALA A 179 17.32 -21.56 -25.10
C ALA A 179 18.11 -20.65 -24.18
N ILE A 180 17.52 -20.30 -23.04
CA ILE A 180 18.27 -19.49 -22.08
C ILE A 180 19.48 -20.23 -21.54
N LYS A 181 19.28 -21.51 -21.25
CA LYS A 181 20.33 -22.33 -20.67
C LYS A 181 21.52 -22.40 -21.62
N HIS A 182 21.26 -22.39 -22.94
CA HIS A 182 22.32 -22.52 -23.92
C HIS A 182 22.79 -21.17 -24.47
N GLY A 183 22.21 -20.10 -23.95
CA GLY A 183 22.58 -18.76 -24.39
C GLY A 183 22.01 -18.33 -25.76
N ASN A 184 20.93 -18.95 -26.19
CA ASN A 184 20.27 -18.56 -27.41
C ASN A 184 19.17 -17.71 -26.88
N ILE A 185 19.22 -16.42 -27.20
CA ILE A 185 18.28 -15.61 -26.46
C ILE A 185 18.24 -14.19 -26.92
N LEU A 186 17.62 -14.16 -28.06
CA LEU A 186 17.34 -12.94 -28.72
C LEU A 186 16.32 -12.24 -27.87
N GLU A 187 16.53 -10.94 -27.75
CA GLU A 187 15.58 -10.09 -27.05
C GLU A 187 15.21 -8.90 -27.95
N ILE A 188 14.02 -8.40 -27.79
CA ILE A 188 13.54 -7.24 -28.53
C ILE A 188 13.00 -6.24 -27.55
N ALA A 189 13.47 -5.01 -27.67
CA ALA A 189 12.98 -3.98 -26.75
C ALA A 189 11.48 -3.73 -26.90
N GLN A 190 10.85 -3.46 -25.79
CA GLN A 190 9.47 -3.05 -25.82
C GLN A 190 9.32 -1.69 -26.47
N ARG A 191 8.19 -1.48 -27.11
CA ARG A 191 7.84 -0.20 -27.70
C ARG A 191 7.11 0.61 -26.65
N GLU A 192 7.79 1.60 -26.08
CA GLU A 192 7.23 2.37 -24.99
C GLU A 192 5.99 3.10 -25.39
N ASN A 193 5.89 3.53 -26.65
CA ASN A 193 4.69 4.23 -27.07
C ASN A 193 3.45 3.36 -27.02
N GLU A 194 3.63 2.04 -27.02
CA GLU A 194 2.50 1.08 -26.97
C GLU A 194 2.20 0.57 -25.57
N ALA A 195 2.99 0.93 -24.59
CA ALA A 195 2.82 0.37 -23.26
C ALA A 195 1.58 0.86 -22.58
N THR A 196 0.95 -0.02 -21.81
CA THR A 196 -0.11 0.37 -20.88
C THR A 196 0.23 -0.24 -19.53
N CYS A 197 -0.21 0.41 -18.47
CA CYS A 197 0.14 -0.04 -17.14
C CYS A 197 -0.97 0.15 -16.18
N PHE A 198 -1.17 -0.84 -15.32
CA PHE A 198 -2.25 -0.84 -14.38
C PHE A 198 -1.77 -1.11 -12.97
N GLY A 199 -2.48 -0.51 -12.03
CA GLY A 199 -2.16 -0.64 -10.65
C GLY A 199 -2.87 -1.72 -9.92
N ARG A 200 -2.49 -1.85 -8.66
CA ARG A 200 -3.13 -2.74 -7.72
C ARG A 200 -4.62 -2.44 -7.73
N ARG A 201 -5.37 -3.51 -7.71
CA ARG A 201 -6.79 -3.46 -7.54
C ARG A 201 -7.06 -3.87 -6.12
N THR A 202 -7.96 -3.09 -5.57
CA THR A 202 -8.63 -3.26 -4.28
C THR A 202 -9.97 -3.90 -4.51
N PRO A 203 -10.54 -4.59 -3.50
CA PRO A 203 -11.95 -4.90 -3.66
C PRO A 203 -12.85 -3.73 -4.13
N ASP A 204 -12.61 -2.49 -3.69
CA ASP A 204 -13.45 -1.35 -4.16
C ASP A 204 -13.48 -1.00 -5.67
N ASP A 205 -12.45 -1.35 -6.43
CA ASP A 205 -12.34 -1.06 -7.92
C ASP A 205 -13.31 -1.97 -8.74
N SER A 206 -14.03 -2.80 -8.02
CA SER A 206 -15.03 -3.65 -8.57
C SER A 206 -16.44 -3.17 -8.30
N PHE A 207 -16.64 -1.90 -8.03
CA PHE A 207 -17.94 -1.30 -7.93
C PHE A 207 -18.63 -1.25 -9.28
N LEU A 208 -19.87 -1.69 -9.32
CA LEU A 208 -20.70 -1.68 -10.51
C LEU A 208 -21.44 -0.37 -10.62
N GLU A 209 -21.24 0.31 -11.73
CA GLU A 209 -21.89 1.60 -12.03
C GLU A 209 -22.92 1.36 -13.14
N TRP A 210 -24.19 1.42 -12.77
CA TRP A 210 -25.25 0.92 -13.65
C TRP A 210 -25.47 1.77 -14.90
N HIS A 211 -24.89 2.98 -14.98
CA HIS A 211 -24.93 3.74 -16.22
C HIS A 211 -24.10 3.18 -17.35
N LYS A 212 -23.17 2.29 -17.05
CA LYS A 212 -22.33 1.69 -18.05
C LYS A 212 -23.09 0.66 -18.87
N PRO A 213 -22.55 0.28 -20.02
CA PRO A 213 -23.17 -0.78 -20.82
C PRO A 213 -23.21 -2.07 -20.03
N ALA A 214 -24.25 -2.84 -20.24
CA ALA A 214 -24.37 -4.14 -19.58
C ALA A 214 -23.16 -5.02 -19.83
N SER A 215 -22.61 -4.94 -21.04
CA SER A 215 -21.45 -5.76 -21.38
C SER A 215 -20.26 -5.42 -20.51
N VAL A 216 -20.04 -4.14 -20.24
CA VAL A 216 -18.94 -3.68 -19.44
C VAL A 216 -19.11 -4.14 -17.99
N LEU A 217 -20.31 -4.06 -17.48
CA LEU A 217 -20.60 -4.54 -16.11
C LEU A 217 -20.44 -6.03 -15.98
N HIS A 218 -20.91 -6.76 -16.98
CA HIS A 218 -20.71 -8.20 -17.06
C HIS A 218 -19.22 -8.53 -17.00
N ASN A 219 -18.42 -7.78 -17.75
CA ASN A 219 -16.97 -7.99 -17.74
C ASN A 219 -16.36 -7.76 -16.36
N MET A 220 -16.86 -6.79 -15.61
CA MET A 220 -16.42 -6.58 -14.26
C MET A 220 -16.79 -7.76 -13.36
N VAL A 221 -18.00 -8.29 -13.50
CA VAL A 221 -18.41 -9.45 -12.73
C VAL A 221 -17.46 -10.62 -13.00
N ARG A 222 -17.15 -10.87 -14.27
CA ARG A 222 -16.27 -11.94 -14.65
C ARG A 222 -14.88 -11.72 -14.07
N ALA A 223 -14.41 -10.49 -14.10
CA ALA A 223 -13.05 -10.16 -13.74
C ALA A 223 -12.71 -10.49 -12.32
N VAL A 224 -13.70 -10.44 -11.41
CA VAL A 224 -13.45 -10.63 -10.00
C VAL A 224 -14.38 -11.66 -9.40
N ALA A 225 -14.86 -12.58 -10.22
CA ALA A 225 -15.69 -13.67 -9.76
C ALA A 225 -14.91 -14.51 -8.75
N ASP A 226 -15.67 -15.24 -7.93
CA ASP A 226 -15.11 -16.15 -6.93
C ASP A 226 -14.03 -17.01 -7.59
N PRO A 227 -12.86 -17.15 -6.95
CA PRO A 227 -12.48 -16.77 -5.59
C PRO A 227 -11.94 -15.36 -5.37
N TRP A 228 -12.08 -14.49 -6.38
CA TRP A 228 -11.79 -13.09 -6.21
C TRP A 228 -12.95 -12.44 -5.46
N PRO A 229 -12.81 -11.16 -5.06
CA PRO A 229 -13.75 -10.64 -4.07
C PRO A 229 -15.12 -10.25 -4.56
N GLY A 230 -15.35 -10.23 -5.89
CA GLY A 230 -16.65 -10.01 -6.44
C GLY A 230 -16.96 -8.56 -6.77
N ALA A 231 -17.73 -8.35 -7.78
CA ALA A 231 -18.25 -7.05 -8.17
C ALA A 231 -19.46 -6.74 -7.33
N PHE A 232 -19.70 -5.48 -7.02
CA PHE A 232 -20.69 -5.16 -6.03
C PHE A 232 -21.44 -3.88 -6.34
N SER A 233 -22.60 -3.78 -5.73
CA SER A 233 -23.39 -2.55 -5.69
C SER A 233 -24.01 -2.49 -4.31
N TYR A 234 -24.99 -1.62 -4.17
CA TYR A 234 -25.61 -1.35 -2.89
C TYR A 234 -27.10 -1.21 -3.06
N VAL A 235 -27.84 -1.60 -2.03
CA VAL A 235 -29.22 -1.19 -1.82
C VAL A 235 -29.21 -0.41 -0.51
N GLY A 236 -29.13 0.92 -0.59
CA GLY A 236 -28.98 1.69 0.62
C GLY A 236 -27.70 1.35 1.34
N ASN A 237 -27.77 1.09 2.62
CA ASN A 237 -26.59 0.74 3.40
C ASN A 237 -26.16 -0.69 3.20
N GLN A 238 -26.93 -1.45 2.41
CA GLN A 238 -26.65 -2.85 2.21
C GLN A 238 -25.84 -3.17 0.95
N LYS A 239 -24.61 -3.58 1.15
CA LYS A 239 -23.75 -4.02 0.07
C LYS A 239 -24.29 -5.31 -0.46
N PHE A 240 -24.19 -5.51 -1.75
CA PHE A 240 -24.39 -6.86 -2.29
C PHE A 240 -23.39 -7.09 -3.40
N THR A 241 -23.04 -8.34 -3.55
CA THR A 241 -22.11 -8.80 -4.52
C THR A 241 -22.82 -9.54 -5.63
N VAL A 242 -22.41 -9.30 -6.87
CA VAL A 242 -22.87 -10.06 -8.03
C VAL A 242 -21.78 -11.04 -8.37
N TRP A 243 -22.06 -12.32 -8.13
CA TRP A 243 -21.09 -13.36 -8.36
C TRP A 243 -21.14 -13.89 -9.78
N SER A 244 -22.28 -13.84 -10.46
CA SER A 244 -22.40 -14.27 -11.84
C SER A 244 -23.56 -13.56 -12.49
N SER A 245 -23.44 -13.35 -13.79
CA SER A 245 -24.34 -12.49 -14.53
C SER A 245 -24.53 -12.97 -15.94
N ARG A 246 -25.51 -12.38 -16.61
CA ARG A 246 -25.76 -12.59 -18.04
C ARG A 246 -26.27 -11.30 -18.65
N VAL A 247 -25.77 -10.98 -19.82
CA VAL A 247 -26.19 -9.81 -20.55
C VAL A 247 -27.46 -10.05 -21.35
N HIS A 248 -28.41 -9.13 -21.22
CA HIS A 248 -29.63 -9.07 -22.04
C HIS A 248 -29.49 -7.84 -22.92
N PRO A 249 -29.10 -8.03 -24.18
CA PRO A 249 -28.75 -6.86 -24.98
C PRO A 249 -29.87 -5.93 -25.41
N HIS A 250 -31.11 -6.37 -25.28
CA HIS A 250 -32.23 -5.54 -25.78
C HIS A 250 -32.31 -4.18 -25.05
N ALA A 251 -32.55 -3.11 -25.79
CA ALA A 251 -32.79 -1.78 -25.22
C ALA A 251 -33.96 -1.75 -24.23
N SER A 252 -33.74 -1.13 -23.06
CA SER A 252 -34.79 -0.87 -22.06
C SER A 252 -35.04 0.65 -22.05
N LYS A 253 -36.28 1.05 -21.77
CA LYS A 253 -36.61 2.47 -21.59
C LYS A 253 -36.50 2.83 -20.10
N ALA A 254 -36.10 1.85 -19.28
CA ALA A 254 -35.93 2.02 -17.86
C ALA A 254 -34.62 2.73 -17.57
N GLN A 255 -34.60 3.44 -16.45
CA GLN A 255 -33.47 4.17 -16.01
C GLN A 255 -32.36 3.18 -15.64
N PRO A 256 -31.13 3.51 -15.99
CA PRO A 256 -30.06 2.65 -15.51
C PRO A 256 -30.13 2.46 -14.02
N GLY A 257 -29.95 1.23 -13.59
CA GLY A 257 -30.05 0.85 -12.19
C GLY A 257 -31.43 0.44 -11.74
N SER A 258 -32.41 0.52 -12.64
CA SER A 258 -33.77 0.12 -12.31
C SER A 258 -33.90 -1.38 -12.34
N VAL A 259 -34.65 -1.91 -11.36
CA VAL A 259 -34.93 -3.35 -11.33
C VAL A 259 -36.08 -3.60 -12.30
N ILE A 260 -35.76 -4.21 -13.42
CA ILE A 260 -36.72 -4.57 -14.44
C ILE A 260 -37.58 -5.75 -13.99
N SER A 261 -36.98 -6.71 -13.31
CA SER A 261 -37.66 -7.89 -12.82
C SER A 261 -36.89 -8.43 -11.66
N VAL A 262 -37.58 -9.21 -10.82
CA VAL A 262 -36.91 -9.88 -9.69
C VAL A 262 -36.80 -11.35 -9.87
N ALA A 263 -37.51 -11.91 -10.82
CA ALA A 263 -37.37 -13.34 -11.11
C ALA A 263 -37.39 -13.53 -12.65
N PRO A 264 -36.25 -13.48 -13.31
CA PRO A 264 -34.92 -13.33 -12.77
C PRO A 264 -34.63 -11.89 -12.37
N LEU A 265 -33.61 -11.72 -11.56
CA LEU A 265 -33.21 -10.37 -11.14
C LEU A 265 -32.46 -9.71 -12.30
N LEU A 266 -33.06 -8.67 -12.86
CA LEU A 266 -32.57 -8.03 -14.08
C LEU A 266 -32.52 -6.55 -13.80
N ILE A 267 -31.36 -5.95 -14.01
CA ILE A 267 -31.11 -4.55 -13.75
C ILE A 267 -30.83 -3.83 -15.09
N ALA A 268 -31.58 -2.78 -15.36
CA ALA A 268 -31.32 -1.96 -16.55
C ALA A 268 -29.95 -1.30 -16.44
N CYS A 269 -29.21 -1.30 -17.55
CA CYS A 269 -27.91 -0.65 -17.60
C CYS A 269 -27.96 0.49 -18.59
N GLY A 270 -26.84 1.10 -18.87
CA GLY A 270 -26.82 2.17 -19.86
C GLY A 270 -27.12 1.70 -21.25
N ASP A 271 -26.85 0.44 -21.55
CA ASP A 271 -27.20 -0.21 -22.79
C ASP A 271 -27.49 -1.63 -22.39
N GLY A 272 -28.65 -2.14 -22.75
CA GLY A 272 -29.06 -3.46 -22.36
C GLY A 272 -29.35 -3.56 -20.87
N ALA A 273 -29.37 -4.78 -20.37
CA ALA A 273 -29.66 -5.07 -18.96
C ALA A 273 -28.75 -6.21 -18.51
N LEU A 274 -28.55 -6.28 -17.20
CA LEU A 274 -27.72 -7.29 -16.60
C LEU A 274 -28.55 -8.18 -15.68
N GLU A 275 -28.57 -9.46 -15.99
CA GLU A 275 -29.21 -10.43 -15.10
C GLU A 275 -28.21 -10.84 -14.03
N ILE A 276 -28.63 -10.73 -12.77
CA ILE A 276 -27.83 -11.14 -11.62
C ILE A 276 -28.22 -12.59 -11.36
N VAL A 277 -27.37 -13.51 -11.79
CA VAL A 277 -27.67 -14.92 -11.69
C VAL A 277 -27.44 -15.44 -10.28
N THR A 278 -26.34 -15.05 -9.66
CA THR A 278 -26.06 -15.38 -8.27
C THR A 278 -25.37 -14.19 -7.61
N GLY A 279 -25.51 -14.07 -6.30
CA GLY A 279 -24.85 -13.03 -5.54
C GLY A 279 -25.03 -13.24 -4.07
N GLN A 280 -24.66 -12.26 -3.28
CA GLN A 280 -24.82 -12.35 -1.82
C GLN A 280 -25.05 -10.98 -1.26
N ALA A 281 -25.75 -10.94 -0.14
CA ALA A 281 -26.02 -9.68 0.57
C ALA A 281 -25.01 -9.55 1.68
N GLY A 282 -24.18 -8.54 1.62
CA GLY A 282 -23.20 -8.33 2.65
C GLY A 282 -22.26 -9.51 2.76
N ASP A 283 -22.06 -9.98 4.00
CA ASP A 283 -21.25 -11.15 4.29
C ASP A 283 -22.08 -12.42 4.41
N GLY A 284 -23.32 -12.36 3.92
CA GLY A 284 -24.16 -13.52 3.92
C GLY A 284 -23.79 -14.50 2.85
N ILE A 285 -24.55 -15.56 2.76
CA ILE A 285 -24.24 -16.63 1.84
C ILE A 285 -24.65 -16.30 0.42
N THR A 286 -24.03 -16.98 -0.52
CA THR A 286 -24.39 -16.88 -1.91
C THR A 286 -25.74 -17.52 -2.14
N MET A 287 -26.52 -16.87 -3.01
CA MET A 287 -27.88 -17.24 -3.33
C MET A 287 -28.22 -16.89 -4.76
N GLN A 288 -29.25 -17.52 -5.30
CA GLN A 288 -29.69 -17.16 -6.64
C GLN A 288 -30.24 -15.75 -6.63
N GLY A 289 -30.23 -15.10 -7.79
CA GLY A 289 -30.65 -13.73 -7.90
C GLY A 289 -32.05 -13.44 -7.40
N SER A 290 -33.01 -14.31 -7.65
CA SER A 290 -34.35 -14.01 -7.17
C SER A 290 -34.42 -13.99 -5.64
N GLN A 291 -33.66 -14.88 -4.98
CA GLN A 291 -33.62 -14.90 -3.54
C GLN A 291 -32.87 -13.69 -3.01
N LEU A 292 -31.79 -13.33 -3.69
CA LEU A 292 -31.06 -12.13 -3.35
C LEU A 292 -31.96 -10.92 -3.42
N ALA A 293 -32.79 -10.81 -4.45
CA ALA A 293 -33.71 -9.70 -4.54
C ALA A 293 -34.60 -9.59 -3.31
N GLN A 294 -35.16 -10.71 -2.87
CA GLN A 294 -35.98 -10.69 -1.67
C GLN A 294 -35.20 -10.34 -0.42
N THR A 295 -34.02 -10.88 -0.30
CA THR A 295 -33.17 -10.63 0.86
C THR A 295 -32.85 -9.15 0.96
N LEU A 296 -32.67 -8.49 -0.17
CA LEU A 296 -32.30 -7.07 -0.21
C LEU A 296 -33.51 -6.15 -0.15
N GLY A 297 -34.71 -6.70 -0.28
CA GLY A 297 -35.92 -5.89 -0.30
C GLY A 297 -36.19 -5.20 -1.61
N LEU A 298 -35.68 -5.72 -2.70
CA LEU A 298 -35.91 -5.13 -4.02
C LEU A 298 -37.25 -5.59 -4.57
N VAL A 299 -37.87 -4.71 -5.34
CA VAL A 299 -39.06 -4.96 -6.10
C VAL A 299 -38.85 -4.43 -7.50
N GLN A 300 -39.73 -4.80 -8.42
CA GLN A 300 -39.72 -4.21 -9.74
C GLN A 300 -39.87 -2.72 -9.58
N GLY A 301 -38.99 -1.98 -10.25
CA GLY A 301 -38.99 -0.52 -10.17
C GLY A 301 -38.12 0.07 -9.08
N SER A 302 -37.52 -0.75 -8.22
CA SER A 302 -36.54 -0.25 -7.28
C SER A 302 -35.40 0.35 -8.12
N ARG A 303 -34.75 1.36 -7.56
CA ARG A 303 -33.69 2.08 -8.23
C ARG A 303 -32.40 1.91 -7.47
N LEU A 304 -31.40 1.33 -8.11
CA LEU A 304 -30.05 1.26 -7.59
C LEU A 304 -29.18 2.41 -8.09
N MET B 1 30.98 3.24 23.01
CA MET B 1 30.63 4.17 21.89
C MET B 1 29.91 5.35 22.51
N LYS B 2 30.40 6.52 22.19
CA LYS B 2 29.86 7.76 22.68
C LYS B 2 29.05 8.42 21.61
N THR B 3 27.97 9.06 22.01
CA THR B 3 27.07 9.67 21.06
C THR B 3 26.49 10.97 21.56
N VAL B 4 26.19 11.84 20.62
CA VAL B 4 25.37 13.02 20.82
C VAL B 4 24.06 12.76 20.05
N VAL B 5 22.96 13.03 20.73
CA VAL B 5 21.65 12.67 20.26
C VAL B 5 20.79 13.89 20.09
N PHE B 6 20.03 13.93 19.02
CA PHE B 6 19.07 14.96 18.71
C PHE B 6 17.73 14.28 18.76
N ALA B 7 16.80 14.73 19.59
CA ALA B 7 15.62 13.93 19.86
C ALA B 7 14.46 14.76 20.34
N TYR B 8 13.25 14.31 20.02
CA TYR B 8 12.05 14.97 20.48
C TYR B 8 10.93 13.96 20.49
N HIS B 9 9.97 14.21 21.38
CA HIS B 9 8.74 13.47 21.42
C HIS B 9 8.91 12.00 21.72
N ASP B 10 7.90 11.21 21.41
CA ASP B 10 7.93 9.80 21.83
C ASP B 10 9.00 9.02 21.13
N MET B 11 9.22 9.27 19.83
CA MET B 11 10.31 8.62 19.12
C MET B 11 11.64 9.02 19.70
N GLY B 12 11.77 10.27 20.12
CA GLY B 12 12.99 10.69 20.79
C GLY B 12 13.22 9.92 22.08
N CYS B 13 12.18 9.78 22.91
CA CYS B 13 12.33 9.07 24.19
C CYS B 13 12.69 7.62 24.00
N LEU B 14 12.03 6.95 23.06
CA LEU B 14 12.29 5.53 22.88
C LEU B 14 13.68 5.36 22.23
N GLY B 15 14.13 6.30 21.41
CA GLY B 15 15.44 6.20 20.83
C GLY B 15 16.51 6.31 21.90
N ILE B 16 16.37 7.28 22.80
CA ILE B 16 17.31 7.41 23.90
C ILE B 16 17.29 6.17 24.78
N GLU B 17 16.11 5.68 25.13
CA GLU B 17 16.04 4.48 25.96
C GLU B 17 16.73 3.31 25.28
N ALA B 18 16.57 3.17 23.97
CA ALA B 18 17.20 2.06 23.26
C ALA B 18 18.70 2.21 23.22
N LEU B 19 19.21 3.41 23.03
CA LEU B 19 20.65 3.66 23.09
C LEU B 19 21.23 3.31 24.44
N LEU B 20 20.55 3.73 25.52
CA LEU B 20 21.05 3.41 26.86
C LEU B 20 20.99 1.92 27.12
N ALA B 21 19.92 1.25 26.71
CA ALA B 21 19.81 -0.18 26.88
C ALA B 21 20.91 -0.91 26.11
N ALA B 22 21.34 -0.34 24.99
CA ALA B 22 22.41 -0.90 24.17
C ALA B 22 23.77 -0.51 24.67
N GLY B 23 23.86 0.20 25.78
CA GLY B 23 25.14 0.55 26.39
C GLY B 23 25.90 1.65 25.70
N TYR B 24 25.23 2.48 24.92
CA TYR B 24 25.89 3.67 24.40
C TYR B 24 26.01 4.69 25.52
N GLU B 25 27.08 5.46 25.49
CA GLU B 25 27.26 6.59 26.37
C GLU B 25 26.72 7.81 25.67
N ILE B 26 25.68 8.40 26.21
CA ILE B 26 25.09 9.59 25.62
C ILE B 26 25.65 10.79 26.35
N SER B 27 26.45 11.56 25.64
CA SER B 27 27.14 12.68 26.25
C SER B 27 26.26 13.90 26.38
N ALA B 28 25.31 14.06 25.48
CA ALA B 28 24.40 15.19 25.45
C ALA B 28 23.24 14.86 24.56
N ILE B 29 22.11 15.48 24.88
CA ILE B 29 20.89 15.41 24.07
C ILE B 29 20.51 16.82 23.69
N PHE B 30 20.14 16.99 22.43
CA PHE B 30 19.59 18.23 21.89
C PHE B 30 18.14 17.99 21.58
N THR B 31 17.30 18.91 22.04
CA THR B 31 15.88 18.75 21.87
C THR B 31 15.24 20.12 21.58
N HIS B 32 13.93 20.20 21.70
CA HIS B 32 13.21 21.43 21.45
C HIS B 32 12.47 21.79 22.70
N THR B 33 12.18 23.07 22.86
CA THR B 33 11.21 23.51 23.85
C THR B 33 9.81 23.19 23.34
N ASP B 34 8.89 22.98 24.26
CA ASP B 34 7.50 22.72 23.92
C ASP B 34 6.76 24.03 23.67
N PHE B 41 0.68 15.45 24.28
CA PHE B 41 0.52 14.09 24.83
C PHE B 41 1.81 13.26 24.79
N TYR B 42 2.82 13.77 24.12
CA TYR B 42 4.08 13.04 23.91
C TYR B 42 4.95 13.04 25.18
N GLY B 43 5.77 11.99 25.33
CA GLY B 43 6.83 11.96 26.29
C GLY B 43 7.82 13.07 26.08
N SER B 44 8.41 13.49 27.18
CA SER B 44 9.39 14.58 27.21
C SER B 44 10.79 13.99 27.18
N VAL B 45 11.50 14.30 26.09
CA VAL B 45 12.89 13.95 26.00
C VAL B 45 13.71 14.63 27.10
N ALA B 46 13.43 15.89 27.38
CA ALA B 46 14.17 16.59 28.42
C ALA B 46 13.99 15.92 29.77
N ARG B 47 12.78 15.53 30.11
CA ARG B 47 12.57 14.84 31.40
C ARG B 47 13.32 13.53 31.47
N LEU B 48 13.29 12.77 30.39
CA LEU B 48 14.01 11.52 30.34
C LEU B 48 15.52 11.76 30.55
N ALA B 49 16.06 12.70 29.77
CA ALA B 49 17.46 13.07 29.93
C ALA B 49 17.80 13.40 31.38
N ALA B 50 16.97 14.23 31.99
CA ALA B 50 17.20 14.65 33.35
C ALA B 50 17.18 13.47 34.30
N GLU B 51 16.22 12.56 34.15
CA GLU B 51 16.12 11.41 35.00
C GLU B 51 17.31 10.46 34.86
N ARG B 52 17.85 10.38 33.66
CA ARG B 52 18.96 9.51 33.35
C ARG B 52 20.29 10.17 33.59
N GLY B 53 20.29 11.42 34.00
CA GLY B 53 21.52 12.11 34.29
C GLY B 53 22.35 12.50 33.07
N ILE B 54 21.67 12.88 31.99
CA ILE B 54 22.31 13.25 30.75
C ILE B 54 22.10 14.73 30.54
N PRO B 55 23.15 15.48 30.20
CA PRO B 55 22.99 16.88 29.81
C PRO B 55 22.03 17.05 28.66
N VAL B 56 21.16 18.05 28.72
CA VAL B 56 20.16 18.26 27.69
C VAL B 56 20.04 19.73 27.40
N TYR B 57 19.87 20.06 26.13
CA TYR B 57 19.88 21.43 25.66
C TYR B 57 18.83 21.60 24.59
N ALA B 58 18.20 22.77 24.54
CA ALA B 58 17.18 23.05 23.53
C ALA B 58 17.39 24.39 22.86
N PRO B 59 18.55 24.64 22.26
CA PRO B 59 18.69 25.88 21.52
C PRO B 59 17.82 25.90 20.31
N ASP B 60 17.38 27.09 19.95
CA ASP B 60 16.58 27.28 18.74
C ASP B 60 17.39 26.94 17.49
N ASN B 61 18.66 27.32 17.47
CA ASN B 61 19.53 27.10 16.33
C ASN B 61 20.75 26.36 16.72
N VAL B 62 20.71 25.04 16.68
CA VAL B 62 21.83 24.25 17.06
C VAL B 62 23.01 24.38 16.09
N ASN B 63 22.77 24.89 14.90
CA ASN B 63 23.86 25.04 13.92
C ASN B 63 24.78 26.23 14.14
N HIS B 64 24.55 26.93 15.19
CA HIS B 64 25.38 28.06 15.57
C HIS B 64 26.78 27.60 15.96
N PRO B 65 27.80 28.38 15.62
CA PRO B 65 29.16 28.11 16.10
C PRO B 65 29.17 27.48 17.50
N LEU B 66 28.65 28.21 18.48
CA LEU B 66 28.77 27.81 19.90
C LEU B 66 28.42 26.38 20.07
N TRP B 67 27.33 25.96 19.47
CA TRP B 67 26.89 24.61 19.63
C TRP B 67 27.75 23.64 18.87
N VAL B 68 28.26 24.02 17.71
CA VAL B 68 29.26 23.18 17.05
C VAL B 68 30.43 22.88 18.01
N GLU B 69 30.96 23.89 18.72
CA GLU B 69 32.02 23.67 19.77
C GLU B 69 31.62 22.77 20.88
N ARG B 70 30.46 22.98 21.41
CA ARG B 70 30.02 22.21 22.55
C ARG B 70 29.71 20.80 22.19
N ILE B 71 29.40 20.54 20.90
CA ILE B 71 29.27 19.16 20.41
C ILE B 71 30.64 18.55 20.13
N ALA B 72 31.48 19.29 19.43
CA ALA B 72 32.80 18.81 19.12
C ALA B 72 33.57 18.40 20.37
N GLN B 73 33.42 19.15 21.48
CA GLN B 73 34.19 18.84 22.67
C GLN B 73 33.77 17.58 23.36
N LEU B 74 32.60 17.04 22.99
CA LEU B 74 32.12 15.81 23.58
C LEU B 74 32.64 14.59 22.85
N SER B 75 33.35 14.79 21.74
CA SER B 75 33.98 13.70 21.01
C SER B 75 33.01 12.58 20.62
N PRO B 76 31.85 12.90 20.04
CA PRO B 76 30.95 11.80 19.68
C PRO B 76 31.60 10.91 18.66
N ASP B 77 31.40 9.62 18.81
CA ASP B 77 31.70 8.67 17.77
C ASP B 77 30.65 8.67 16.67
N VAL B 78 29.41 8.87 17.08
CA VAL B 78 28.27 8.75 16.20
C VAL B 78 27.22 9.71 16.68
N ILE B 79 26.40 10.15 15.75
CA ILE B 79 25.27 11.02 16.03
C ILE B 79 23.99 10.34 15.63
N PHE B 80 22.96 10.49 16.45
CA PHE B 80 21.63 10.01 16.13
C PHE B 80 20.62 11.14 16.16
N SER B 81 19.65 11.12 15.27
CA SER B 81 18.46 11.93 15.31
C SER B 81 17.23 11.04 15.41
N PHE B 82 16.41 11.35 16.40
CA PHE B 82 15.17 10.67 16.68
C PHE B 82 14.10 11.75 16.78
N TYR B 83 13.58 12.17 15.63
CA TYR B 83 12.47 13.11 15.52
C TYR B 83 12.85 14.52 15.93
N TYR B 84 14.13 14.86 15.89
CA TYR B 84 14.51 16.25 15.91
C TYR B 84 13.99 16.95 14.64
N ARG B 85 13.53 18.17 14.77
CA ARG B 85 12.77 18.80 13.71
C ARG B 85 13.57 19.56 12.69
N HIS B 86 14.76 20.00 13.02
CA HIS B 86 15.51 20.90 12.16
C HIS B 86 16.68 20.21 11.54
N LEU B 87 17.01 20.60 10.32
CA LEU B 87 18.19 20.09 9.66
C LEU B 87 19.42 20.39 10.50
N ILE B 88 20.27 19.39 10.64
CA ILE B 88 21.52 19.47 11.35
C ILE B 88 22.56 19.58 10.28
N TYR B 89 23.29 20.69 10.26
CA TYR B 89 24.15 20.97 9.15
C TYR B 89 25.35 20.07 9.11
N ASP B 90 25.97 20.00 7.94
CA ASP B 90 27.05 19.10 7.69
C ASP B 90 28.19 19.31 8.68
N GLU B 91 28.45 20.54 9.09
CA GLU B 91 29.53 20.79 10.01
C GLU B 91 29.39 20.01 11.32
N ILE B 92 28.16 19.82 11.80
CA ILE B 92 27.93 19.02 13.01
C ILE B 92 28.03 17.55 12.64
N LEU B 93 27.34 17.15 11.58
CA LEU B 93 27.30 15.73 11.26
C LEU B 93 28.66 15.15 11.05
N GLN B 94 29.55 15.94 10.45
CA GLN B 94 30.88 15.46 10.10
C GLN B 94 31.85 15.43 11.27
N LEU B 95 31.40 15.87 12.45
CA LEU B 95 32.24 15.72 13.64
C LEU B 95 32.41 14.29 14.10
N ALA B 96 31.46 13.42 13.77
CA ALA B 96 31.40 12.07 14.30
C ALA B 96 32.09 11.15 13.34
N PRO B 97 33.21 10.53 13.72
CA PRO B 97 33.93 9.71 12.73
C PRO B 97 33.13 8.57 12.22
N ALA B 98 32.22 7.99 13.01
CA ALA B 98 31.42 6.90 12.57
C ALA B 98 30.12 7.31 11.94
N GLY B 99 29.90 8.58 11.80
CA GLY B 99 28.77 9.10 11.03
C GLY B 99 27.53 9.36 11.87
N ALA B 100 26.41 9.43 11.16
CA ALA B 100 25.17 9.93 11.69
C ALA B 100 24.00 9.15 11.16
N PHE B 101 23.01 8.89 11.98
CA PHE B 101 21.84 8.11 11.64
C PHE B 101 20.59 8.81 12.06
N ASN B 102 19.51 8.57 11.33
CA ASN B 102 18.21 9.17 11.58
C ASN B 102 17.16 8.08 11.58
N LEU B 103 16.19 8.21 12.46
CA LEU B 103 15.05 7.33 12.55
C LEU B 103 13.88 8.11 11.95
N HIS B 104 13.23 7.55 10.93
CA HIS B 104 12.12 8.19 10.23
C HIS B 104 10.93 7.26 10.20
N GLY B 105 9.76 7.79 10.50
CA GLY B 105 8.57 7.01 10.53
C GLY B 105 7.84 6.82 9.21
N SER B 106 8.55 6.32 8.21
CA SER B 106 7.92 5.84 6.98
C SER B 106 8.78 4.79 6.38
N LEU B 107 8.20 4.17 5.35
CA LEU B 107 8.90 3.23 4.48
C LEU B 107 9.70 3.95 3.42
N LEU B 108 10.78 4.55 3.82
CA LEU B 108 11.61 5.29 2.89
C LEU B 108 11.98 4.38 1.75
N PRO B 109 12.09 4.94 0.50
CA PRO B 109 12.08 6.35 0.17
C PRO B 109 10.73 7.01 0.02
N LYS B 110 9.64 6.29 0.28
CA LYS B 110 8.33 6.89 0.29
C LYS B 110 8.15 7.72 1.54
N TYR B 111 7.45 8.83 1.45
CA TYR B 111 7.10 9.64 2.59
C TYR B 111 8.28 10.18 3.33
N ARG B 112 9.32 10.55 2.60
CA ARG B 112 10.28 11.50 3.13
C ARG B 112 9.55 12.76 3.58
N GLY B 113 10.17 13.50 4.48
CA GLY B 113 9.70 14.80 4.85
C GLY B 113 8.86 14.79 6.10
N ARG B 114 7.97 15.77 6.20
CA ARG B 114 7.24 16.03 7.40
C ARG B 114 6.02 15.17 7.53
N ALA B 115 5.60 14.96 8.77
CA ALA B 115 4.29 14.34 9.10
C ALA B 115 3.99 13.05 8.38
N PRO B 116 4.95 12.11 8.29
CA PRO B 116 4.61 10.88 7.56
C PRO B 116 3.50 10.09 8.23
N LEU B 117 3.33 10.20 9.56
CA LEU B 117 2.22 9.53 10.23
C LEU B 117 0.90 9.95 9.58
N ASN B 118 0.72 11.26 9.44
CA ASN B 118 -0.56 11.77 8.98
C ASN B 118 -0.71 11.65 7.49
N TRP B 119 0.35 11.84 6.73
CA TRP B 119 0.25 11.74 5.27
C TRP B 119 -0.12 10.37 4.82
N VAL B 120 0.38 9.31 5.47
CA VAL B 120 0.03 7.98 4.99
C VAL B 120 -1.45 7.73 5.23
N LEU B 121 -2.02 8.27 6.30
CA LEU B 121 -3.44 8.15 6.54
C LEU B 121 -4.28 9.00 5.55
N VAL B 122 -3.88 10.24 5.33
CA VAL B 122 -4.56 11.07 4.33
C VAL B 122 -4.63 10.36 3.00
N ASN B 123 -3.55 9.73 2.60
CA ASN B 123 -3.48 9.10 1.28
C ASN B 123 -4.00 7.70 1.25
N GLY B 124 -4.53 7.19 2.34
CA GLY B 124 -5.15 5.91 2.33
C GLY B 124 -4.19 4.77 2.14
N GLU B 125 -2.96 4.91 2.56
CA GLU B 125 -2.02 3.81 2.52
C GLU B 125 -2.50 2.65 3.39
N THR B 126 -2.12 1.44 2.99
CA THR B 126 -2.40 0.27 3.81
C THR B 126 -1.18 -0.25 4.55
N GLU B 127 -0.05 0.40 4.37
CA GLU B 127 1.17 0.07 5.09
C GLU B 127 1.99 1.33 5.26
N THR B 128 2.84 1.27 6.27
CA THR B 128 3.87 2.25 6.48
C THR B 128 5.02 1.51 7.17
N GLY B 129 5.89 2.22 7.89
CA GLY B 129 7.01 1.57 8.47
C GLY B 129 7.90 2.54 9.17
N VAL B 130 9.02 2.03 9.65
CA VAL B 130 10.05 2.83 10.27
C VAL B 130 11.35 2.49 9.62
N THR B 131 12.22 3.49 9.48
CA THR B 131 13.48 3.32 8.80
C THR B 131 14.59 3.99 9.60
N LEU B 132 15.71 3.32 9.74
CA LEU B 132 16.94 3.91 10.23
C LEU B 132 17.85 4.07 9.03
N HIS B 133 18.40 5.25 8.83
CA HIS B 133 19.20 5.54 7.65
C HIS B 133 20.31 6.47 7.99
N ARG B 134 21.30 6.53 7.13
CA ARG B 134 22.37 7.48 7.26
C ARG B 134 21.85 8.87 7.07
N MET B 135 22.25 9.78 7.94
CA MET B 135 21.76 11.08 7.93
C MET B 135 22.68 11.94 7.08
N VAL B 136 22.12 12.60 6.07
CA VAL B 136 22.83 13.36 5.10
C VAL B 136 22.22 14.74 4.93
N LYS B 137 22.77 15.55 4.04
CA LYS B 137 22.32 16.95 3.92
C LYS B 137 20.87 17.04 3.50
N ARG B 138 20.45 16.20 2.54
CA ARG B 138 19.07 16.14 2.09
C ARG B 138 18.25 15.34 3.09
N ALA B 139 17.13 15.90 3.52
CA ALA B 139 16.33 15.27 4.55
C ALA B 139 15.86 13.89 4.11
N ASP B 140 16.03 12.95 5.03
CA ASP B 140 15.46 11.63 4.89
C ASP B 140 15.95 10.88 3.67
N ALA B 141 17.14 11.20 3.18
CA ALA B 141 17.57 10.68 1.87
C ALA B 141 18.70 9.70 1.89
N GLY B 142 19.36 9.50 3.03
CA GLY B 142 20.60 8.71 3.10
C GLY B 142 20.34 7.22 3.08
N ALA B 143 21.42 6.46 2.95
CA ALA B 143 21.33 5.04 2.73
C ALA B 143 20.65 4.36 3.91
N ILE B 144 19.85 3.37 3.60
CA ILE B 144 19.07 2.67 4.61
C ILE B 144 19.90 1.60 5.30
N VAL B 145 19.85 1.56 6.62
CA VAL B 145 20.47 0.53 7.40
C VAL B 145 19.51 -0.42 8.06
N ALA B 146 18.26 -0.06 8.24
CA ALA B 146 17.27 -0.98 8.75
C ALA B 146 15.91 -0.45 8.43
N GLN B 147 14.93 -1.34 8.27
CA GLN B 147 13.56 -0.91 7.97
C GLN B 147 12.62 -2.00 8.41
N LEU B 148 11.48 -1.61 8.97
CA LEU B 148 10.44 -2.52 9.33
C LEU B 148 9.12 -1.98 8.87
N ARG B 149 8.35 -2.83 8.18
CA ARG B 149 7.05 -2.46 7.66
C ARG B 149 5.99 -2.78 8.68
N ILE B 150 4.93 -1.98 8.70
CA ILE B 150 3.77 -2.30 9.54
C ILE B 150 2.52 -2.03 8.70
N ALA B 151 1.53 -2.84 8.97
CA ALA B 151 0.24 -2.69 8.35
C ALA B 151 -0.52 -1.55 8.98
N ILE B 152 -1.28 -0.84 8.15
CA ILE B 152 -2.22 0.14 8.63
C ILE B 152 -3.58 -0.50 8.51
N ALA B 153 -4.29 -0.57 9.63
CA ALA B 153 -5.63 -1.15 9.68
C ALA B 153 -6.64 -0.11 9.27
N PRO B 154 -7.78 -0.52 8.70
CA PRO B 154 -8.79 0.47 8.33
C PRO B 154 -9.29 1.29 9.49
N ASP B 155 -9.25 0.75 10.69
CA ASP B 155 -9.68 1.49 11.84
C ASP B 155 -8.57 2.23 12.58
N ASP B 156 -7.36 2.17 12.07
CA ASP B 156 -6.29 3.01 12.63
C ASP B 156 -6.61 4.47 12.43
N ILE B 157 -6.26 5.26 13.41
CA ILE B 157 -6.28 6.70 13.36
C ILE B 157 -4.89 7.18 13.75
N ALA B 158 -4.65 8.47 13.72
CA ALA B 158 -3.34 8.96 13.97
C ALA B 158 -2.72 8.38 15.26
N ILE B 159 -3.44 8.43 16.36
CA ILE B 159 -2.81 8.01 17.63
C ILE B 159 -2.51 6.53 17.67
N THR B 160 -3.39 5.71 17.14
CA THR B 160 -3.16 4.29 17.20
C THR B 160 -2.02 3.92 16.25
N LEU B 161 -1.93 4.55 15.09
CA LEU B 161 -0.81 4.30 14.20
C LEU B 161 0.47 4.85 14.79
N HIS B 162 0.41 5.99 15.46
CA HIS B 162 1.57 6.52 16.16
C HIS B 162 2.14 5.48 17.13
N HIS B 163 1.30 4.85 17.94
CA HIS B 163 1.80 3.85 18.88
C HIS B 163 2.41 2.67 18.14
N LYS B 164 1.80 2.24 17.05
CA LYS B 164 2.37 1.18 16.26
C LYS B 164 3.74 1.53 15.69
N LEU B 165 3.90 2.75 15.21
CA LEU B 165 5.19 3.20 14.71
C LEU B 165 6.22 3.21 15.82
N CYS B 166 5.84 3.68 17.00
CA CYS B 166 6.76 3.70 18.13
C CYS B 166 7.19 2.33 18.54
N HIS B 167 6.26 1.41 18.62
CA HIS B 167 6.60 0.03 18.95
C HIS B 167 7.56 -0.56 17.93
N ALA B 168 7.28 -0.34 16.65
CA ALA B 168 8.17 -0.84 15.58
C ALA B 168 9.54 -0.20 15.69
N ALA B 169 9.59 1.10 15.93
CA ALA B 169 10.85 1.79 16.06
C ALA B 169 11.71 1.22 17.18
N ARG B 170 11.08 0.93 18.31
CA ARG B 170 11.82 0.33 19.43
C ARG B 170 12.41 -1.00 19.03
N GLN B 171 11.61 -1.84 18.39
CA GLN B 171 12.11 -3.13 17.92
C GLN B 171 13.25 -2.96 16.96
N LEU B 172 13.07 -2.08 15.97
CA LEU B 172 14.11 -1.84 14.97
C LEU B 172 15.41 -1.38 15.63
N LEU B 173 15.35 -0.45 16.55
CA LEU B 173 16.53 0.02 17.21
C LEU B 173 17.17 -1.06 18.06
N GLU B 174 16.36 -1.80 18.83
CA GLU B 174 16.98 -2.84 19.67
C GLU B 174 17.70 -3.85 18.81
N GLN B 175 17.20 -4.12 17.60
CA GLN B 175 17.80 -5.05 16.71
C GLN B 175 19.04 -4.52 16.03
N THR B 176 19.14 -3.23 15.79
CA THR B 176 20.12 -2.62 14.90
C THR B 176 21.24 -1.95 15.64
N LEU B 177 20.93 -1.37 16.79
CA LEU B 177 21.94 -0.60 17.51
C LEU B 177 23.22 -1.37 17.83
N PRO B 178 23.15 -2.65 18.18
CA PRO B 178 24.41 -3.34 18.46
C PRO B 178 25.35 -3.40 17.25
N ALA B 179 24.80 -3.60 16.06
CA ALA B 179 25.62 -3.63 14.85
C ALA B 179 26.29 -2.30 14.58
N ILE B 180 25.58 -1.20 14.83
CA ILE B 180 26.21 0.08 14.67
C ILE B 180 27.33 0.23 15.68
N LYS B 181 27.09 -0.22 16.91
CA LYS B 181 28.06 -0.06 18.00
C LYS B 181 29.32 -0.82 17.67
N HIS B 182 29.18 -1.95 16.98
CA HIS B 182 30.31 -2.82 16.67
C HIS B 182 31.01 -2.44 15.38
N GLY B 183 30.51 -1.44 14.67
CA GLY B 183 31.16 -0.98 13.45
C GLY B 183 30.92 -1.86 12.27
N ASN B 184 29.88 -2.68 12.29
CA ASN B 184 29.64 -3.66 11.24
C ASN B 184 28.32 -3.49 10.46
N ILE B 185 27.77 -2.31 10.50
CA ILE B 185 26.48 -2.03 9.83
C ILE B 185 26.61 -1.81 8.30
N LEU B 186 25.89 -2.56 7.50
CA LEU B 186 25.86 -2.33 6.04
C LEU B 186 24.69 -1.45 5.70
N GLU B 187 24.71 -0.87 4.50
CA GLU B 187 23.67 0.02 4.07
C GLU B 187 23.34 -0.18 2.63
N ILE B 188 22.20 0.33 2.19
CA ILE B 188 21.82 0.27 0.79
C ILE B 188 21.15 1.57 0.42
N ALA B 189 21.59 2.14 -0.71
CA ALA B 189 21.12 3.42 -1.15
C ALA B 189 19.63 3.43 -1.36
N GLN B 190 18.99 4.53 -1.03
CA GLN B 190 17.64 4.74 -1.45
C GLN B 190 17.54 4.87 -2.97
N ARG B 191 16.49 4.28 -3.54
CA ARG B 191 16.17 4.51 -4.96
C ARG B 191 15.55 5.88 -5.11
N GLU B 192 16.35 6.82 -5.54
CA GLU B 192 15.93 8.19 -5.58
C GLU B 192 14.72 8.40 -6.47
N ASN B 193 14.64 7.65 -7.58
CA ASN B 193 13.50 7.76 -8.49
C ASN B 193 12.18 7.36 -7.90
N GLU B 194 12.21 6.62 -6.77
CA GLU B 194 10.98 6.22 -6.07
C GLU B 194 10.61 7.16 -4.95
N ALA B 195 11.49 8.07 -4.59
CA ALA B 195 11.26 8.89 -3.41
C ALA B 195 10.04 9.74 -3.57
N THR B 196 9.29 9.89 -2.49
CA THR B 196 8.21 10.85 -2.44
C THR B 196 8.40 11.66 -1.18
N CYS B 197 8.18 12.93 -1.28
CA CYS B 197 8.37 13.79 -0.16
C CYS B 197 7.16 14.65 0.05
N PHE B 198 6.91 14.97 1.30
CA PHE B 198 5.76 15.72 1.71
C PHE B 198 6.17 16.78 2.70
N GLY B 199 5.41 17.84 2.68
CA GLY B 199 5.69 18.98 3.52
C GLY B 199 4.90 18.99 4.80
N ARG B 200 5.19 20.01 5.58
CA ARG B 200 4.53 20.23 6.84
C ARG B 200 3.04 20.34 6.66
N ARG B 201 2.32 19.80 7.61
CA ARG B 201 0.87 19.89 7.66
C ARG B 201 0.48 20.81 8.79
N THR B 202 -0.49 21.65 8.50
CA THR B 202 -1.02 22.56 9.44
C THR B 202 -2.52 22.25 9.57
N PRO B 203 -3.19 22.80 10.58
CA PRO B 203 -4.60 22.44 10.75
C PRO B 203 -5.48 22.70 9.55
N ASP B 204 -5.23 23.75 8.78
CA ASP B 204 -6.07 23.99 7.58
C ASP B 204 -5.98 22.98 6.48
N ASP B 205 -4.97 22.12 6.51
CA ASP B 205 -4.87 21.04 5.55
C ASP B 205 -5.96 20.03 5.76
N SER B 206 -6.72 20.10 6.85
CA SER B 206 -7.74 19.12 7.10
C SER B 206 -9.14 19.66 6.87
N PHE B 207 -9.26 20.63 5.97
CA PHE B 207 -10.56 21.15 5.54
C PHE B 207 -11.26 20.14 4.64
N LEU B 208 -12.42 19.69 5.07
CA LEU B 208 -13.24 18.75 4.30
C LEU B 208 -13.99 19.46 3.20
N GLU B 209 -13.97 18.90 2.02
CA GLU B 209 -14.76 19.42 0.90
C GLU B 209 -15.64 18.29 0.41
N TRP B 210 -16.92 18.51 0.49
CA TRP B 210 -17.88 17.42 0.35
C TRP B 210 -18.01 16.85 -1.06
N HIS B 211 -17.48 17.55 -2.06
CA HIS B 211 -17.51 16.97 -3.41
C HIS B 211 -16.52 15.83 -3.59
N LYS B 212 -15.62 15.63 -2.64
CA LYS B 212 -14.65 14.56 -2.72
C LYS B 212 -15.32 13.23 -2.37
N PRO B 213 -14.66 12.11 -2.70
CA PRO B 213 -15.18 10.83 -2.30
C PRO B 213 -15.27 10.69 -0.77
N ALA B 214 -16.28 10.00 -0.27
CA ALA B 214 -16.43 9.78 1.15
C ALA B 214 -15.20 9.14 1.77
N SER B 215 -14.58 8.19 1.07
CA SER B 215 -13.41 7.52 1.60
C SER B 215 -12.25 8.47 1.79
N VAL B 216 -12.09 9.43 0.89
CA VAL B 216 -11.02 10.41 0.99
C VAL B 216 -11.25 11.28 2.21
N LEU B 217 -12.50 11.71 2.40
CA LEU B 217 -12.83 12.53 3.55
C LEU B 217 -12.67 11.78 4.87
N HIS B 218 -13.08 10.50 4.90
CA HIS B 218 -12.87 9.63 6.04
C HIS B 218 -11.42 9.53 6.41
N ASN B 219 -10.57 9.38 5.39
CA ASN B 219 -9.14 9.34 5.64
C ASN B 219 -8.61 10.61 6.22
N MET B 220 -9.16 11.74 5.78
CA MET B 220 -8.78 12.99 6.38
C MET B 220 -9.14 13.07 7.86
N VAL B 221 -10.32 12.56 8.22
CA VAL B 221 -10.75 12.49 9.62
C VAL B 221 -9.81 11.65 10.44
N ARG B 222 -9.47 10.47 9.95
CA ARG B 222 -8.58 9.55 10.63
C ARG B 222 -7.23 10.15 10.86
N ALA B 223 -6.71 10.87 9.86
CA ALA B 223 -5.35 11.37 9.86
C ALA B 223 -5.11 12.38 10.94
N VAL B 224 -6.13 13.10 11.36
CA VAL B 224 -5.95 14.15 12.37
C VAL B 224 -6.95 14.04 13.52
N ALA B 225 -7.39 12.82 13.79
CA ALA B 225 -8.24 12.54 14.92
C ALA B 225 -7.52 12.93 16.21
N ASP B 226 -8.29 13.21 17.25
CA ASP B 226 -7.76 13.61 18.55
C ASP B 226 -6.66 12.63 18.97
N PRO B 227 -5.52 13.12 19.45
CA PRO B 227 -5.18 14.46 19.86
C PRO B 227 -4.67 15.43 18.80
N TRP B 228 -4.77 15.06 17.52
CA TRP B 228 -4.47 15.98 16.43
C TRP B 228 -5.65 16.92 16.23
N PRO B 229 -5.51 17.91 15.32
CA PRO B 229 -6.47 19.03 15.37
C PRO B 229 -7.85 18.80 14.83
N GLY B 230 -8.07 17.70 14.12
CA GLY B 230 -9.38 17.38 13.63
C GLY B 230 -9.70 17.92 12.24
N ALA B 231 -10.41 17.15 11.46
CA ALA B 231 -10.91 17.58 10.17
C ALA B 231 -12.13 18.44 10.34
N PHE B 232 -12.32 19.41 9.47
CA PHE B 232 -13.35 20.42 9.71
C PHE B 232 -14.08 20.86 8.46
N SER B 233 -15.27 21.40 8.68
CA SER B 233 -16.04 22.06 7.66
C SER B 233 -16.81 23.18 8.32
N TYR B 234 -17.82 23.70 7.64
CA TYR B 234 -18.60 24.84 8.10
C TYR B 234 -20.06 24.63 7.82
N VAL B 235 -20.86 25.19 8.70
CA VAL B 235 -22.29 25.40 8.46
C VAL B 235 -22.49 26.88 8.56
N GLY B 236 -22.94 27.48 7.47
CA GLY B 236 -22.98 28.90 7.41
C GLY B 236 -21.56 29.38 7.61
N ASN B 237 -21.36 30.27 8.58
CA ASN B 237 -20.03 30.68 8.95
C ASN B 237 -19.44 29.96 10.19
N GLN B 238 -20.09 28.93 10.68
CA GLN B 238 -19.70 28.23 11.89
C GLN B 238 -18.83 27.02 11.57
N LYS B 239 -17.60 27.04 12.03
CA LYS B 239 -16.71 25.89 11.88
C LYS B 239 -17.18 24.74 12.75
N PHE B 240 -17.02 23.53 12.26
CA PHE B 240 -17.21 22.36 13.08
C PHE B 240 -16.19 21.33 12.71
N THR B 241 -15.85 20.49 13.69
CA THR B 241 -14.87 19.44 13.55
C THR B 241 -15.55 18.10 13.58
N VAL B 242 -15.07 17.23 12.69
CA VAL B 242 -15.49 15.84 12.68
C VAL B 242 -14.38 15.03 13.33
N TRP B 243 -14.66 14.53 14.53
CA TRP B 243 -13.68 13.77 15.29
C TRP B 243 -13.62 12.30 14.92
N SER B 244 -14.76 11.72 14.54
CA SER B 244 -14.81 10.33 14.17
C SER B 244 -15.93 10.16 13.17
N SER B 245 -15.74 9.23 12.26
CA SER B 245 -16.59 9.09 11.09
C SER B 245 -16.71 7.65 10.70
N ARG B 246 -17.63 7.40 9.79
CA ARG B 246 -17.82 6.08 9.22
C ARG B 246 -18.29 6.32 7.77
N VAL B 247 -17.76 5.56 6.82
CA VAL B 247 -18.18 5.67 5.46
C VAL B 247 -19.41 4.82 5.19
N HIS B 248 -20.28 5.34 4.39
CA HIS B 248 -21.46 4.67 3.90
C HIS B 248 -21.27 4.65 2.42
N PRO B 249 -20.60 3.62 1.96
CA PRO B 249 -20.24 3.46 0.52
C PRO B 249 -21.30 3.60 -0.59
N HIS B 250 -20.88 4.16 -1.67
CA HIS B 250 -21.59 4.27 -2.94
C HIS B 250 -23.10 4.50 -3.07
N ALA B 251 -23.96 4.33 -2.10
CA ALA B 251 -25.38 4.43 -2.47
C ALA B 251 -25.96 5.83 -2.62
N SER B 252 -25.43 6.77 -1.90
CA SER B 252 -25.93 8.11 -1.95
C SER B 252 -26.10 8.70 -3.37
N LYS B 253 -27.28 9.28 -3.60
CA LYS B 253 -27.56 9.95 -4.89
C LYS B 253 -27.80 11.44 -4.68
N ALA B 254 -27.63 11.90 -3.42
CA ALA B 254 -27.91 13.29 -3.08
C ALA B 254 -26.78 14.16 -3.54
N GLN B 255 -27.05 15.46 -3.69
CA GLN B 255 -25.99 16.38 -4.06
C GLN B 255 -24.96 16.45 -2.95
N PRO B 256 -23.67 16.50 -3.31
CA PRO B 256 -22.66 16.52 -2.25
C PRO B 256 -22.85 17.66 -1.28
N GLY B 257 -22.69 17.40 0.00
CA GLY B 257 -22.92 18.35 1.06
C GLY B 257 -24.29 18.25 1.67
N SER B 258 -25.20 17.51 1.05
CA SER B 258 -26.54 17.37 1.56
C SER B 258 -26.58 16.54 2.82
N VAL B 259 -27.38 16.98 3.77
CA VAL B 259 -27.63 16.19 4.98
C VAL B 259 -28.68 15.15 4.70
N ILE B 260 -28.24 13.91 4.64
CA ILE B 260 -29.10 12.80 4.33
C ILE B 260 -29.92 12.36 5.54
N SER B 261 -29.33 12.47 6.72
CA SER B 261 -30.03 12.13 7.96
C SER B 261 -29.33 12.85 9.07
N VAL B 262 -30.05 13.03 10.18
CA VAL B 262 -29.47 13.69 11.36
C VAL B 262 -29.33 12.75 12.55
N ALA B 263 -29.94 11.58 12.54
CA ALA B 263 -29.78 10.60 13.60
C ALA B 263 -29.69 9.24 12.95
N PRO B 264 -28.50 8.82 12.52
CA PRO B 264 -27.21 9.46 12.66
C PRO B 264 -26.99 10.58 11.63
N LEU B 265 -26.00 11.41 11.90
CA LEU B 265 -25.70 12.53 11.02
C LEU B 265 -24.86 12.00 9.86
N LEU B 266 -25.43 12.10 8.65
CA LEU B 266 -24.83 11.58 7.44
C LEU B 266 -24.84 12.68 6.39
N ILE B 267 -23.68 12.93 5.79
CA ILE B 267 -23.50 13.96 4.78
C ILE B 267 -23.14 13.31 3.44
N ALA B 268 -23.90 13.62 2.42
CA ALA B 268 -23.60 13.12 1.06
C ALA B 268 -22.26 13.68 0.60
N CYS B 269 -21.47 12.83 -0.05
CA CYS B 269 -20.18 13.22 -0.61
C CYS B 269 -20.22 13.10 -2.12
N GLY B 270 -19.10 13.29 -2.77
CA GLY B 270 -19.06 13.13 -4.21
C GLY B 270 -19.37 11.73 -4.63
N ASP B 271 -19.02 10.77 -3.80
CA ASP B 271 -19.50 9.41 -3.89
C ASP B 271 -19.62 8.94 -2.47
N GLY B 272 -20.68 8.22 -2.21
CA GLY B 272 -20.99 7.76 -0.88
C GLY B 272 -21.42 8.89 0.02
N ALA B 273 -21.39 8.56 1.30
CA ALA B 273 -21.77 9.47 2.34
C ALA B 273 -20.88 9.24 3.53
N LEU B 274 -20.73 10.28 4.36
CA LEU B 274 -19.91 10.22 5.53
C LEU B 274 -20.76 10.44 6.77
N GLU B 275 -20.76 9.46 7.67
CA GLU B 275 -21.41 9.57 8.96
C GLU B 275 -20.47 10.27 9.90
N ILE B 276 -20.99 11.31 10.53
CA ILE B 276 -20.25 12.06 11.53
C ILE B 276 -20.63 11.46 12.87
N VAL B 277 -19.76 10.61 13.43
CA VAL B 277 -20.10 9.89 14.64
C VAL B 277 -19.93 10.78 15.86
N THR B 278 -18.85 11.54 15.91
CA THR B 278 -18.62 12.52 16.98
C THR B 278 -17.99 13.75 16.33
N GLY B 279 -18.17 14.89 16.97
CA GLY B 279 -17.63 16.11 16.50
C GLY B 279 -17.87 17.21 17.48
N GLN B 280 -17.49 18.43 17.11
CA GLN B 280 -17.73 19.57 17.97
C GLN B 280 -17.99 20.78 17.10
N ALA B 281 -18.74 21.75 17.63
CA ALA B 281 -18.99 23.00 16.97
C ALA B 281 -18.04 24.03 17.49
N GLY B 282 -17.20 24.59 16.63
CA GLY B 282 -16.25 25.58 17.10
C GLY B 282 -15.34 25.00 18.15
N ASP B 283 -15.18 25.76 19.24
CA ASP B 283 -14.42 25.34 20.39
C ASP B 283 -15.26 24.73 21.49
N GLY B 284 -16.48 24.33 21.15
CA GLY B 284 -17.36 23.67 22.08
C GLY B 284 -16.92 22.25 22.34
N ILE B 285 -17.69 21.55 23.17
CA ILE B 285 -17.34 20.21 23.57
C ILE B 285 -17.70 19.21 22.48
N THR B 286 -17.02 18.08 22.58
CA THR B 286 -17.31 16.96 21.73
C THR B 286 -18.66 16.37 22.09
N MET B 287 -19.38 15.98 21.04
CA MET B 287 -20.69 15.42 21.20
C MET B 287 -20.98 14.42 20.08
N GLN B 288 -22.00 13.60 20.28
CA GLN B 288 -22.40 12.70 19.23
C GLN B 288 -22.92 13.48 18.03
N GLY B 289 -22.88 12.86 16.84
CA GLY B 289 -23.31 13.53 15.63
C GLY B 289 -24.72 14.09 15.62
N SER B 290 -25.67 13.37 16.19
CA SER B 290 -27.04 13.88 16.17
C SER B 290 -27.15 15.17 16.97
N GLN B 291 -26.43 15.23 18.10
CA GLN B 291 -26.42 16.44 18.92
C GLN B 291 -25.67 17.53 18.20
N LEU B 292 -24.59 17.20 17.51
CA LEU B 292 -23.87 18.17 16.69
C LEU B 292 -24.79 18.77 15.64
N ALA B 293 -25.60 17.95 14.98
CA ALA B 293 -26.52 18.44 13.96
C ALA B 293 -27.44 19.48 14.55
N GLN B 294 -27.99 19.21 15.72
CA GLN B 294 -28.86 20.20 16.36
C GLN B 294 -28.11 21.46 16.72
N THR B 295 -26.91 21.32 17.24
CA THR B 295 -26.09 22.47 17.58
C THR B 295 -25.80 23.35 16.36
N LEU B 296 -25.71 22.75 15.19
CA LEU B 296 -25.42 23.45 13.95
C LEU B 296 -26.65 23.88 13.18
N GLY B 297 -27.83 23.58 13.71
CA GLY B 297 -29.05 23.94 12.99
C GLY B 297 -29.33 23.14 11.74
N LEU B 298 -28.80 21.94 11.67
CA LEU B 298 -28.98 21.12 10.50
C LEU B 298 -30.19 20.25 10.60
N VAL B 299 -30.85 20.07 9.46
CA VAL B 299 -31.95 19.15 9.32
C VAL B 299 -31.71 18.35 8.08
N GLN B 300 -32.44 17.26 7.95
CA GLN B 300 -32.37 16.50 6.73
C GLN B 300 -32.75 17.38 5.58
N GLY B 301 -31.93 17.37 4.53
CA GLY B 301 -32.13 18.26 3.37
C GLY B 301 -31.36 19.56 3.45
N SER B 302 -30.80 19.91 4.60
CA SER B 302 -29.85 21.03 4.66
C SER B 302 -28.72 20.69 3.68
N ARG B 303 -28.00 21.68 3.22
CA ARG B 303 -26.85 21.42 2.39
C ARG B 303 -25.73 22.30 2.88
N LEU B 304 -24.60 21.69 3.18
CA LEU B 304 -23.40 22.40 3.63
C LEU B 304 -22.62 23.10 2.48
N1 FON C . 11.90 -6.53 -10.01
C2 FON C . 12.38 -5.82 -11.01
NA2 FON C . 13.49 -5.16 -10.84
N3 FON C . 11.69 -5.72 -12.20
C4 FON C . 10.49 -6.37 -12.41
O4 FON C . 9.94 -6.22 -13.53
C4A FON C . 9.98 -7.13 -11.38
N5 FON C . 8.68 -7.80 -11.37
C6 FON C . 8.21 -7.94 -10.05
C7 FON C . 9.08 -8.75 -9.20
N8 FON C . 10.30 -7.95 -9.13
C8A FON C . 10.75 -7.19 -10.19
C9 FON C . 7.58 -6.78 -9.42
N10 FON C . 6.52 -6.15 -10.20
C11 FON C . 4.90 -2.48 -9.33
C12 FON C . 5.99 -2.98 -8.57
C13 FON C . 6.52 -4.22 -8.86
C14 FON C . 5.99 -4.97 -9.88
C15 FON C . 4.93 -4.47 -10.66
C16 FON C . 4.40 -3.22 -10.36
C FON C . 4.31 -1.08 -9.11
O FON C . 3.66 -0.53 -10.00
N FON C . 4.57 -0.47 -7.98
CA FON C . 4.03 0.91 -7.91
CB FON C . 2.81 1.06 -6.99
CG FON C . 2.71 0.21 -5.74
CD FON C . 2.63 -1.27 -6.07
OE1 FON C . 3.48 -1.97 -5.49
OE2 FON C . 1.74 -1.69 -6.87
CT FON C . 5.24 1.86 -7.69
O1 FON C . 6.36 1.32 -7.53
O2 FON C . 5.04 3.10 -7.73
CP1 FON C . 8.01 -8.22 -12.39
O3 FON C . 6.88 -8.73 -12.27
N1 U5P D . -7.52 -8.07 -5.74
C2 U5P D . -8.72 -7.40 -5.91
N3 U5P D . -9.24 -7.26 -7.21
C4 U5P D . -8.55 -7.76 -8.32
C5 U5P D . -7.31 -8.43 -8.16
C6 U5P D . -6.83 -8.58 -6.86
O2 U5P D . -9.32 -6.94 -4.95
O4 U5P D . -9.08 -7.58 -9.42
C1' U5P D . -6.93 -8.22 -4.38
C2' U5P D . -6.94 -9.66 -3.92
O2' U5P D . -8.19 -9.96 -3.28
C3' U5P D . -5.78 -9.65 -2.91
C4' U5P D . -4.78 -8.69 -3.58
O3' U5P D . -6.22 -9.10 -1.67
O4' U5P D . -5.53 -7.89 -4.55
C5' U5P D . -3.70 -9.44 -4.39
O5' U5P D . -4.22 -10.66 -4.97
P U5P D . -3.29 -11.97 -5.39
O1P U5P D . -4.72 -12.58 -5.89
O2P U5P D . -2.61 -10.88 -6.41
O3P U5P D . -2.88 -12.02 -3.94
C ACT E . -2.55 -15.09 -13.29
O ACT E . -3.52 -15.20 -12.50
OXT ACT E . -1.89 -16.11 -13.77
CH3 ACT E . -2.11 -13.75 -13.55
N1 FON F . 19.36 16.80 9.53
C2 FON F . 19.90 16.36 8.42
NA2 FON F . 21.02 16.85 7.95
N3 FON F . 19.26 15.37 7.69
C4 FON F . 18.06 14.80 8.13
O4 FON F . 17.55 13.89 7.43
C4A FON F . 17.50 15.29 9.29
N5 FON F . 16.21 14.88 9.82
C6 FON F . 15.65 15.83 10.64
C7 FON F . 16.48 16.25 11.80
N8 FON F . 17.72 16.77 11.16
C8A FON F . 18.22 16.25 9.99
C9 FON F . 14.99 16.99 9.98
N10 FON F . 13.94 16.62 9.07
C11 FON F . 12.62 18.70 5.76
C12 FON F . 13.61 19.20 6.62
C13 FON F . 14.04 18.56 7.77
C14 FON F . 13.51 17.35 8.03
C15 FON F . 12.54 16.84 7.15
C16 FON F . 12.09 17.47 6.01
C FON F . 12.22 19.41 4.49
O FON F . 11.55 18.84 3.61
N FON F . 12.79 20.58 4.25
CA FON F . 12.51 21.31 2.98
CB FON F . 11.84 22.64 3.33
CG FON F . 10.53 22.44 4.10
CD FON F . 10.57 22.19 5.63
OE1 FON F . 11.62 22.42 6.31
OE2 FON F . 9.51 21.70 6.10
CT FON F . 13.84 21.55 2.24
O1 FON F . 14.85 20.94 2.69
O2 FON F . 13.84 22.33 1.24
CP1 FON F . 15.59 13.74 9.61
O3 FON F . 14.48 13.49 10.09
N1 U5P G . -0.29 19.09 12.50
C2 U5P G . -1.39 19.27 11.71
N3 U5P G . -1.78 18.20 10.90
C4 U5P G . -1.06 17.07 10.82
C5 U5P G . 0.07 16.92 11.61
C6 U5P G . 0.45 17.93 12.42
O2 U5P G . -2.03 20.29 11.76
O4 U5P G . -1.47 16.23 10.00
C1' U5P G . 0.22 20.17 13.38
C2' U5P G . 0.20 19.83 14.84
O2' U5P G . -1.08 20.18 15.32
C3' U5P G . 1.32 20.73 15.35
C4' U5P G . 2.34 20.72 14.21
O3' U5P G . 0.84 22.08 15.46
O4' U5P G . 1.62 20.25 13.08
C5' U5P G . 3.47 19.76 14.45
O5' U5P G . 2.95 18.58 15.08
P U5P G . 3.99 17.64 15.86
O1P U5P G . 2.88 16.68 16.31
O2P U5P G . 4.81 17.21 14.70
O3P U5P G . 4.57 18.51 16.91
C ACT H . 5.02 9.35 14.44
O ACT H . 5.50 9.73 13.29
OXT ACT H . 3.98 9.88 14.95
CH3 ACT H . 5.71 8.29 15.23
#